data_2OGI
#
_entry.id   2OGI
#
_cell.length_a   65.841
_cell.length_b   52.535
_cell.length_c   70.022
_cell.angle_alpha   90.000
_cell.angle_beta   114.290
_cell.angle_gamma   90.000
#
_symmetry.space_group_name_H-M   'P 1 21 1'
#
loop_
_entity.id
_entity.type
_entity.pdbx_description
1 polymer 'Hypothetical protein SAG1661'
2 non-polymer 'FE (III) ION'
3 non-polymer 'CHLORIDE ION'
4 non-polymer "GUANOSINE-5'-DIPHOSPHATE"
5 non-polymer '2-(N-MORPHOLINO)-ETHANESULFONIC ACID'
6 water water
#
_entity_poly.entity_id   1
_entity_poly.type   'polypeptide(L)'
_entity_poly.pdbx_seq_one_letter_code
;G(MSE)TYKDYTGLDRTELLSKVRH(MSE)(MSE)SDKRFNHVLGVERAAIELAERYGYDKEKAGLAALLHDYAKELSDD
EFLRLIDKYQPDPDLKKWGNNIWHGLVGIYKIQEDLAIKDQDILAAIAKHTVGSAQ(MSE)STLDKIVYVADYIEHNRDF
PGVEEARELAKVDLNKAVAYETARTVAFLASKAQPIYPKTIETYNAYIPYLD
;
_entity_poly.pdbx_strand_id   A,B
#
loop_
_chem_comp.id
_chem_comp.type
_chem_comp.name
_chem_comp.formula
CL non-polymer 'CHLORIDE ION' 'Cl -1'
FE non-polymer 'FE (III) ION' 'Fe 3'
GDP RNA linking GUANOSINE-5'-DIPHOSPHATE 'C10 H15 N5 O11 P2'
MES non-polymer '2-(N-MORPHOLINO)-ETHANESULFONIC ACID' 'C6 H13 N O4 S'
#
# COMPACT_ATOMS: atom_id res chain seq x y z
N TYR A 4 -22.91 22.40 19.78
CA TYR A 4 -23.28 21.55 18.60
C TYR A 4 -24.71 21.78 18.08
N LYS A 5 -25.53 22.50 18.86
CA LYS A 5 -26.92 22.78 18.46
C LYS A 5 -26.98 23.53 17.16
N ASP A 6 -26.07 24.47 16.96
CA ASP A 6 -25.98 25.15 15.68
C ASP A 6 -25.88 24.17 14.53
N TYR A 7 -25.09 23.10 14.69
CA TYR A 7 -24.95 22.12 13.62
C TYR A 7 -26.06 21.10 13.54
N THR A 8 -26.61 20.72 14.70
CA THR A 8 -27.51 19.58 14.79
C THR A 8 -28.96 19.91 15.11
N GLY A 9 -29.23 21.12 15.61
CA GLY A 9 -30.55 21.46 16.12
C GLY A 9 -30.87 20.77 17.44
N LEU A 10 -29.89 20.06 18.02
CA LEU A 10 -30.13 19.31 19.25
C LEU A 10 -29.14 19.71 20.32
N ASP A 11 -29.58 19.66 21.57
CA ASP A 11 -28.65 19.84 22.70
C ASP A 11 -27.77 18.61 22.77
N ARG A 12 -26.60 18.77 23.39
CA ARG A 12 -25.66 17.69 23.59
C ARG A 12 -26.27 16.47 24.31
N THR A 13 -27.26 16.71 25.16
CA THR A 13 -27.92 15.63 25.86
C THR A 13 -28.76 14.76 24.95
N GLU A 14 -29.51 15.34 24.00
CA GLU A 14 -30.30 14.48 23.10
C GLU A 14 -29.34 13.81 22.12
N LEU A 15 -28.31 14.56 21.73
CA LEU A 15 -27.30 14.08 20.85
C LEU A 15 -26.55 12.86 21.40
N LEU A 16 -26.11 12.95 22.66
CA LEU A 16 -25.49 11.80 23.28
C LEU A 16 -26.44 10.60 23.31
N SER A 17 -27.72 10.84 23.56
CA SER A 17 -28.70 9.77 23.58
C SER A 17 -28.73 9.11 22.21
N LYS A 18 -28.81 9.91 21.15
CA LYS A 18 -28.94 9.34 19.84
C LYS A 18 -27.72 8.50 19.45
N VAL A 19 -26.52 9.00 19.78
CA VAL A 19 -25.26 8.35 19.39
C VAL A 19 -25.15 7.02 20.16
N ARG A 20 -25.34 7.11 21.46
CA ARG A 20 -25.22 5.94 22.28
C ARG A 20 -26.16 4.79 21.84
N HIS A 21 -27.30 5.15 21.28
CA HIS A 21 -28.32 4.17 20.91
C HIS A 21 -27.97 3.44 19.60
N MSE A 22 -26.86 3.84 19.02
CA MSE A 22 -26.35 3.18 17.82
C MSE A 22 -25.28 2.10 18.07
O MSE A 22 -24.90 1.41 17.08
CB MSE A 22 -25.73 4.21 16.92
CG MSE A 22 -26.64 5.27 16.43
SE MSE A 22 -28.07 4.52 15.33
CE MSE A 22 -27.01 3.93 13.79
N MSE A 23 -24.80 1.96 19.30
CA MSE A 23 -23.57 1.20 19.56
C MSE A 23 -23.46 0.69 20.94
O MSE A 23 -24.18 1.15 21.82
CB MSE A 23 -22.37 2.09 19.31
CG MSE A 23 -22.29 3.33 20.26
SE MSE A 23 -20.95 4.56 19.66
CE MSE A 23 -21.80 5.27 18.11
N SER A 24 -22.52 -0.25 21.16
CA SER A 24 -22.20 -0.80 22.48
C SER A 24 -21.65 0.24 23.46
N ASP A 25 -21.66 -0.12 24.75
CA ASP A 25 -21.04 0.71 25.80
C ASP A 25 -19.58 1.01 25.49
N LYS A 26 -18.83 -0.04 25.19
CA LYS A 26 -17.40 0.06 24.96
C LYS A 26 -17.16 1.04 23.80
N ARG A 27 -17.96 0.95 22.75
CA ARG A 27 -17.75 1.83 21.62
C ARG A 27 -18.12 3.26 21.90
N PHE A 28 -19.18 3.46 22.67
CA PHE A 28 -19.60 4.82 23.05
C PHE A 28 -18.51 5.45 23.94
N ASN A 29 -17.89 4.68 24.82
CA ASN A 29 -16.75 5.24 25.57
C ASN A 29 -15.59 5.65 24.66
N HIS A 30 -15.35 4.86 23.63
CA HIS A 30 -14.37 5.21 22.65
C HIS A 30 -14.71 6.53 22.02
N VAL A 31 -15.97 6.68 21.64
CA VAL A 31 -16.41 7.87 20.95
C VAL A 31 -16.27 9.13 21.85
N LEU A 32 -16.58 8.99 23.15
CA LEU A 32 -16.37 10.06 24.12
C LEU A 32 -14.89 10.39 24.22
N GLY A 33 -14.03 9.37 24.28
CA GLY A 33 -12.60 9.59 24.30
C GLY A 33 -12.10 10.28 23.06
N VAL A 34 -12.61 9.90 21.90
CA VAL A 34 -12.27 10.62 20.70
C VAL A 34 -12.73 12.07 20.71
N GLU A 35 -13.92 12.33 21.21
CA GLU A 35 -14.37 13.73 21.37
C GLU A 35 -13.41 14.56 22.26
N ARG A 36 -13.06 13.99 23.43
CA ARG A 36 -12.12 14.62 24.34
C ARG A 36 -10.78 14.91 23.65
N ALA A 37 -10.23 13.90 22.96
CA ALA A 37 -8.96 14.04 22.26
C ALA A 37 -9.04 15.05 21.12
N ALA A 38 -10.14 15.06 20.38
CA ALA A 38 -10.25 15.99 19.23
C ALA A 38 -10.30 17.44 19.70
N ILE A 39 -11.02 17.68 20.78
CA ILE A 39 -11.10 19.01 21.37
C ILE A 39 -9.71 19.47 21.87
N GLU A 40 -8.96 18.56 22.51
CA GLU A 40 -7.58 18.88 22.90
C GLU A 40 -6.72 19.23 21.68
N LEU A 41 -6.82 18.45 20.61
CA LEU A 41 -6.07 18.71 19.39
C LEU A 41 -6.49 20.02 18.74
N ALA A 42 -7.78 20.30 18.75
CA ALA A 42 -8.25 21.59 18.19
C ALA A 42 -7.69 22.73 19.00
N GLU A 43 -7.72 22.63 20.32
CA GLU A 43 -7.09 23.69 21.14
C GLU A 43 -5.62 23.85 20.74
N ARG A 44 -4.90 22.75 20.68
CA ARG A 44 -3.46 22.80 20.43
C ARG A 44 -3.12 23.39 19.07
N TYR A 45 -3.95 23.12 18.07
CA TYR A 45 -3.60 23.46 16.68
C TYR A 45 -4.43 24.62 16.13
N GLY A 46 -5.13 25.33 17.01
CA GLY A 46 -5.86 26.54 16.62
C GLY A 46 -7.12 26.31 15.79
N TYR A 47 -7.76 25.17 15.99
CA TYR A 47 -8.93 24.83 15.18
C TYR A 47 -10.21 24.98 16.03
N ASP A 48 -11.32 25.30 15.36
CA ASP A 48 -12.66 25.37 15.95
C ASP A 48 -12.97 24.13 16.78
N LYS A 49 -13.06 24.30 18.09
CA LYS A 49 -13.28 23.17 19.00
C LYS A 49 -14.63 22.50 18.81
N GLU A 50 -15.66 23.27 18.48
CA GLU A 50 -17.00 22.71 18.31
C GLU A 50 -17.10 21.80 17.10
N LYS A 51 -16.56 22.21 15.96
CA LYS A 51 -16.56 21.35 14.78
C LYS A 51 -15.78 20.08 15.03
N ALA A 52 -14.61 20.23 15.67
CA ALA A 52 -13.76 19.08 15.95
C ALA A 52 -14.49 18.10 16.86
N GLY A 53 -15.11 18.59 17.94
CA GLY A 53 -15.75 17.67 18.90
C GLY A 53 -16.97 17.01 18.31
N LEU A 54 -17.73 17.74 17.52
CA LEU A 54 -18.91 17.16 16.89
C LEU A 54 -18.52 16.12 15.86
N ALA A 55 -17.56 16.40 14.97
CA ALA A 55 -17.10 15.34 14.04
C ALA A 55 -16.62 14.10 14.79
N ALA A 56 -15.86 14.31 15.87
CA ALA A 56 -15.39 13.22 16.70
C ALA A 56 -16.52 12.47 17.41
N LEU A 57 -17.55 13.17 17.86
CA LEU A 57 -18.67 12.47 18.50
C LEU A 57 -19.44 11.57 17.54
N LEU A 58 -19.54 12.01 16.29
CA LEU A 58 -20.32 11.32 15.29
C LEU A 58 -19.53 10.28 14.48
N HIS A 59 -18.19 10.24 14.59
CA HIS A 59 -17.36 9.60 13.54
C HIS A 59 -17.67 8.12 13.34
N ASP A 60 -18.00 7.43 14.42
CA ASP A 60 -18.34 6.02 14.45
C ASP A 60 -19.82 5.78 14.63
N TYR A 61 -20.65 6.75 14.23
CA TYR A 61 -22.11 6.58 14.40
C TYR A 61 -22.64 5.29 13.78
N ALA A 62 -22.08 4.90 12.63
CA ALA A 62 -22.53 3.71 11.87
C ALA A 62 -21.66 2.47 12.09
N LYS A 63 -20.78 2.48 13.08
CA LYS A 63 -19.83 1.41 13.26
C LYS A 63 -20.48 0.03 13.37
N GLU A 64 -21.64 -0.04 14.01
CA GLU A 64 -22.30 -1.30 14.28
C GLU A 64 -23.53 -1.58 13.40
N LEU A 65 -23.71 -0.86 12.30
CA LEU A 65 -24.74 -1.24 11.33
C LEU A 65 -24.40 -2.63 10.78
N SER A 66 -25.37 -3.37 10.29
CA SER A 66 -25.04 -4.67 9.74
C SER A 66 -24.59 -4.57 8.30
N ASP A 67 -23.94 -5.62 7.79
CA ASP A 67 -23.53 -5.63 6.38
C ASP A 67 -24.71 -5.37 5.42
N ASP A 68 -25.84 -6.04 5.66
CA ASP A 68 -27.03 -5.84 4.83
C ASP A 68 -27.53 -4.41 4.85
N GLU A 69 -27.50 -3.74 6.00
CA GLU A 69 -27.89 -2.33 6.12
C GLU A 69 -26.93 -1.44 5.30
N PHE A 70 -25.62 -1.73 5.35
CA PHE A 70 -24.65 -1.03 4.51
C PHE A 70 -24.83 -1.28 3.04
N LEU A 71 -25.13 -2.52 2.69
CA LEU A 71 -25.39 -2.84 1.28
C LEU A 71 -26.61 -2.09 0.76
N ARG A 72 -27.61 -1.88 1.60
CA ARG A 72 -28.74 -1.07 1.17
C ARG A 72 -28.45 0.41 1.04
N LEU A 73 -27.62 0.94 1.94
CA LEU A 73 -27.18 2.32 1.85
C LEU A 73 -26.33 2.52 0.62
N ILE A 74 -25.44 1.57 0.33
CA ILE A 74 -24.69 1.61 -0.92
C ILE A 74 -25.65 1.72 -2.13
N ASP A 75 -26.62 0.82 -2.20
CA ASP A 75 -27.53 0.74 -3.36
C ASP A 75 -28.35 2.01 -3.55
N LYS A 76 -28.76 2.58 -2.42
CA LYS A 76 -29.59 3.77 -2.39
C LYS A 76 -28.81 5.03 -2.67
N TYR A 77 -27.58 5.15 -2.17
CA TYR A 77 -26.90 6.46 -2.22
C TYR A 77 -25.56 6.50 -2.99
N GLN A 78 -24.89 5.36 -3.13
CA GLN A 78 -23.60 5.31 -3.82
C GLN A 78 -23.29 3.93 -4.38
N PRO A 79 -24.00 3.52 -5.46
CA PRO A 79 -23.88 2.17 -5.96
C PRO A 79 -22.60 1.90 -6.76
N ASP A 80 -21.47 1.85 -6.08
CA ASP A 80 -20.20 1.56 -6.72
C ASP A 80 -19.86 0.09 -6.57
N PRO A 81 -19.64 -0.61 -7.72
CA PRO A 81 -19.47 -2.07 -7.69
C PRO A 81 -18.33 -2.52 -6.76
N ASP A 82 -17.21 -1.83 -6.86
CA ASP A 82 -16.02 -2.15 -6.09
C ASP A 82 -16.28 -1.97 -4.59
N LEU A 83 -17.07 -0.97 -4.23
CA LEU A 83 -17.32 -0.66 -2.82
C LEU A 83 -17.96 -1.85 -2.10
N LYS A 84 -18.78 -2.61 -2.81
CA LYS A 84 -19.42 -3.77 -2.20
C LYS A 84 -18.47 -4.93 -1.96
N LYS A 85 -17.26 -4.85 -2.50
CA LYS A 85 -16.25 -5.88 -2.22
C LYS A 85 -15.55 -5.72 -0.86
N TRP A 86 -15.80 -4.62 -0.17
CA TRP A 86 -15.07 -4.36 1.03
C TRP A 86 -15.97 -4.76 2.21
N GLY A 87 -15.89 -4.03 3.29
CA GLY A 87 -16.68 -4.35 4.43
C GLY A 87 -16.73 -3.18 5.39
N ASN A 88 -17.20 -3.50 6.58
CA ASN A 88 -17.49 -2.53 7.63
C ASN A 88 -16.38 -1.55 7.84
N ASN A 89 -15.14 -2.02 7.83
CA ASN A 89 -14.01 -1.14 8.13
C ASN A 89 -14.04 0.04 7.20
N ILE A 90 -14.34 -0.25 5.96
CA ILE A 90 -14.33 0.76 4.92
C ILE A 90 -15.67 1.48 4.91
N TRP A 91 -16.75 0.73 5.04
CA TRP A 91 -18.09 1.26 4.92
C TRP A 91 -18.49 2.23 6.04
N HIS A 92 -18.10 1.96 7.27
CA HIS A 92 -18.79 2.68 8.37
C HIS A 92 -18.59 4.17 8.36
N GLY A 93 -17.48 4.65 7.75
CA GLY A 93 -17.22 6.05 7.58
C GLY A 93 -17.70 6.51 6.21
N LEU A 94 -17.21 5.84 5.16
CA LEU A 94 -17.51 6.27 3.77
C LEU A 94 -19.00 6.20 3.43
N VAL A 95 -19.65 5.13 3.89
CA VAL A 95 -21.10 4.92 3.68
C VAL A 95 -21.94 5.34 4.90
N GLY A 96 -21.36 5.25 6.09
CA GLY A 96 -22.01 5.71 7.33
C GLY A 96 -22.51 7.12 7.30
N ILE A 97 -21.84 8.03 6.56
CA ILE A 97 -22.31 9.39 6.52
C ILE A 97 -23.69 9.52 6.03
N TYR A 98 -24.12 8.59 5.19
CA TYR A 98 -25.51 8.62 4.68
C TYR A 98 -26.48 8.35 5.81
N LYS A 99 -26.13 7.39 6.66
CA LYS A 99 -26.95 7.09 7.86
C LYS A 99 -27.03 8.31 8.77
N ILE A 100 -25.90 8.97 8.98
CA ILE A 100 -25.85 10.18 9.85
C ILE A 100 -26.80 11.22 9.33
N GLN A 101 -26.76 11.46 8.01
CA GLN A 101 -27.61 12.45 7.39
C GLN A 101 -29.09 12.04 7.50
N GLU A 102 -29.39 10.75 7.36
CA GLU A 102 -30.78 10.31 7.50
C GLU A 102 -31.32 10.62 8.88
N ASP A 103 -30.50 10.43 9.90
CA ASP A 103 -30.95 10.43 11.27
C ASP A 103 -30.82 11.80 11.89
N LEU A 104 -29.93 12.62 11.38
CA LEU A 104 -29.63 13.95 11.95
C LEU A 104 -29.72 15.02 10.89
N ALA A 105 -29.94 16.25 11.32
CA ALA A 105 -30.03 17.39 10.41
C ALA A 105 -28.67 17.99 10.05
N ILE A 106 -27.64 17.14 10.02
N ILE A 106 -27.64 17.17 10.02
CA ILE A 106 -26.26 17.57 9.73
CA ILE A 106 -26.29 17.70 9.81
C ILE A 106 -26.10 17.86 8.25
C ILE A 106 -25.97 17.83 8.31
N LYS A 107 -25.63 19.05 7.90
CA LYS A 107 -25.37 19.37 6.52
C LYS A 107 -23.94 19.83 6.29
N ASP A 108 -23.19 20.12 7.35
CA ASP A 108 -21.87 20.73 7.21
C ASP A 108 -20.94 19.80 6.45
N GLN A 109 -20.43 20.26 5.30
CA GLN A 109 -19.65 19.35 4.46
C GLN A 109 -18.26 19.07 5.01
N ASP A 110 -17.67 20.02 5.74
CA ASP A 110 -16.39 19.73 6.44
C ASP A 110 -16.51 18.62 7.44
N ILE A 111 -17.52 18.73 8.28
CA ILE A 111 -17.74 17.69 9.28
C ILE A 111 -17.99 16.34 8.61
N LEU A 112 -18.87 16.31 7.61
CA LEU A 112 -19.24 15.03 7.01
C LEU A 112 -18.06 14.38 6.26
N ALA A 113 -17.25 15.20 5.61
CA ALA A 113 -16.07 14.72 4.94
C ALA A 113 -15.01 14.16 5.88
N ALA A 114 -14.85 14.79 7.05
CA ALA A 114 -13.91 14.31 8.05
C ALA A 114 -14.33 12.97 8.59
N ILE A 115 -15.63 12.80 8.76
CA ILE A 115 -16.18 11.53 9.19
C ILE A 115 -16.01 10.49 8.10
N ALA A 116 -16.37 10.83 6.87
CA ALA A 116 -16.30 9.88 5.75
C ALA A 116 -14.91 9.25 5.57
N LYS A 117 -13.87 10.05 5.73
CA LYS A 117 -12.52 9.56 5.53
C LYS A 117 -11.77 9.21 6.81
N HIS A 118 -12.45 9.15 7.96
CA HIS A 118 -11.76 8.94 9.24
C HIS A 118 -10.94 7.67 9.31
N THR A 119 -11.28 6.64 8.54
CA THR A 119 -10.58 5.37 8.61
C THR A 119 -9.40 5.35 7.65
N VAL A 120 -9.58 5.87 6.44
CA VAL A 120 -8.60 5.72 5.38
C VAL A 120 -7.80 6.98 5.02
N GLY A 121 -8.30 8.13 5.45
CA GLY A 121 -7.62 9.40 5.16
C GLY A 121 -7.78 9.75 3.73
N SER A 122 -6.99 10.74 3.28
CA SER A 122 -6.80 11.01 1.89
C SER A 122 -5.48 11.70 1.79
N ALA A 123 -5.04 11.90 0.55
N ALA A 123 -5.02 11.95 0.55
CA ALA A 123 -4.09 12.94 0.32
CA ALA A 123 -3.69 12.56 0.34
C ALA A 123 -4.77 14.25 0.69
C ALA A 123 -3.64 14.08 0.57
N GLN A 124 -3.99 15.32 0.86
N GLN A 124 -4.74 14.68 1.00
CA GLN A 124 -4.51 16.61 1.32
CA GLN A 124 -4.70 16.13 1.25
C GLN A 124 -5.69 16.51 2.29
C GLN A 124 -5.73 16.48 2.30
N MSE A 125 -5.43 16.11 3.53
CA MSE A 125 -6.44 16.16 4.58
C MSE A 125 -6.47 17.58 5.13
O MSE A 125 -5.43 18.24 5.26
CB MSE A 125 -6.10 15.17 5.68
CG MSE A 125 -5.82 13.77 5.14
SE MSE A 125 -5.42 12.47 6.43
CE MSE A 125 -7.00 12.62 7.04
N SER A 126 -7.67 18.10 5.42
CA SER A 126 -7.76 19.37 6.13
C SER A 126 -7.37 19.17 7.58
N THR A 127 -7.27 20.26 8.29
CA THR A 127 -6.91 20.22 9.69
C THR A 127 -7.96 19.50 10.48
N LEU A 128 -9.24 19.67 10.14
CA LEU A 128 -10.27 18.90 10.82
C LEU A 128 -10.19 17.42 10.51
N ASP A 129 -9.96 17.05 9.25
CA ASP A 129 -9.81 15.64 8.83
C ASP A 129 -8.72 14.95 9.70
N LYS A 130 -7.58 15.63 9.82
CA LYS A 130 -6.43 15.08 10.55
C LYS A 130 -6.69 15.01 12.02
N ILE A 131 -7.39 16.00 12.57
CA ILE A 131 -7.77 15.95 13.98
C ILE A 131 -8.61 14.75 14.30
N VAL A 132 -9.58 14.47 13.46
CA VAL A 132 -10.45 13.31 13.72
C VAL A 132 -9.64 12.02 13.55
N TYR A 133 -8.88 11.98 12.48
CA TYR A 133 -8.06 10.81 12.10
C TYR A 133 -7.12 10.44 13.26
N VAL A 134 -6.47 11.44 13.82
CA VAL A 134 -5.48 11.22 14.91
C VAL A 134 -6.16 10.98 16.27
N ALA A 135 -7.17 11.77 16.59
CA ALA A 135 -7.93 11.57 17.84
C ALA A 135 -8.45 10.18 17.96
N ASP A 136 -8.93 9.65 16.83
CA ASP A 136 -9.47 8.28 16.82
C ASP A 136 -8.45 7.23 17.27
N TYR A 137 -7.20 7.50 16.93
CA TYR A 137 -6.07 6.58 17.18
C TYR A 137 -5.47 6.73 18.57
N ILE A 138 -5.47 7.94 19.12
CA ILE A 138 -4.77 8.27 20.37
C ILE A 138 -5.71 8.47 21.56
N GLU A 139 -7.02 8.38 21.39
CA GLU A 139 -7.94 8.61 22.51
C GLU A 139 -7.58 7.72 23.68
N HIS A 140 -7.89 8.17 24.87
CA HIS A 140 -7.24 7.65 26.08
C HIS A 140 -7.55 6.21 26.46
N ASN A 141 -8.66 5.66 25.99
CA ASN A 141 -9.01 4.26 26.20
C ASN A 141 -8.18 3.32 25.32
N ARG A 142 -7.57 3.81 24.22
CA ARG A 142 -6.74 2.97 23.35
C ARG A 142 -5.46 2.51 24.05
N ASP A 143 -5.09 1.25 23.81
CA ASP A 143 -3.78 0.68 24.17
C ASP A 143 -3.44 -0.40 23.12
N PHE A 144 -2.41 -0.17 22.32
CA PHE A 144 -2.12 -1.03 21.17
C PHE A 144 -0.79 -0.61 20.59
N PRO A 145 -0.14 -1.52 19.80
CA PRO A 145 1.23 -1.23 19.34
C PRO A 145 1.30 -0.01 18.40
N GLY A 146 1.93 1.06 18.88
CA GLY A 146 1.99 2.33 18.11
C GLY A 146 1.30 3.57 18.72
N VAL A 147 0.39 3.37 19.68
CA VAL A 147 -0.39 4.49 20.28
C VAL A 147 0.41 5.49 21.07
N GLU A 148 1.40 5.01 21.80
CA GLU A 148 2.07 5.92 22.71
C GLU A 148 3.04 6.86 21.98
N GLU A 149 3.65 6.34 20.93
CA GLU A 149 4.48 7.17 20.04
C GLU A 149 3.55 8.12 19.30
N ALA A 150 2.35 7.65 18.98
CA ALA A 150 1.40 8.47 18.27
C ALA A 150 0.97 9.65 19.12
N ARG A 151 0.74 9.41 20.41
CA ARG A 151 0.40 10.47 21.35
C ARG A 151 1.44 11.53 21.48
N GLU A 152 2.70 11.12 21.61
CA GLU A 152 3.79 12.07 21.68
C GLU A 152 3.91 12.91 20.42
N LEU A 153 3.83 12.27 19.25
CA LEU A 153 3.87 13.01 17.98
C LEU A 153 2.75 14.04 17.87
N ALA A 154 1.57 13.66 18.36
CA ALA A 154 0.39 14.53 18.25
C ALA A 154 0.55 15.84 19.02
N LYS A 155 1.38 15.80 20.06
CA LYS A 155 1.62 16.95 20.87
C LYS A 155 2.53 17.91 20.15
N VAL A 156 3.14 17.48 19.08
CA VAL A 156 4.22 18.20 18.47
C VAL A 156 3.92 18.59 17.02
N ASP A 157 3.42 17.64 16.23
CA ASP A 157 3.10 17.92 14.82
C ASP A 157 2.01 16.98 14.37
N LEU A 158 0.89 17.56 13.96
CA LEU A 158 -0.25 16.79 13.56
C LEU A 158 0.04 15.97 12.32
N ASN A 159 0.83 16.51 11.40
CA ASN A 159 1.11 15.78 10.18
C ASN A 159 2.00 14.56 10.43
N LYS A 160 2.93 14.66 11.38
CA LYS A 160 3.75 13.51 11.80
C LYS A 160 2.90 12.44 12.45
N ALA A 161 1.93 12.85 13.26
CA ALA A 161 1.01 11.90 13.87
C ALA A 161 0.19 11.17 12.83
N VAL A 162 -0.28 11.89 11.83
CA VAL A 162 -1.00 11.32 10.71
C VAL A 162 -0.11 10.30 9.98
N ALA A 163 1.13 10.69 9.68
CA ALA A 163 2.09 9.82 8.99
C ALA A 163 2.32 8.55 9.77
N TYR A 164 2.52 8.68 11.07
CA TYR A 164 2.88 7.57 11.93
C TYR A 164 1.73 6.57 12.00
N GLU A 165 0.52 7.09 12.22
CA GLU A 165 -0.67 6.28 12.26
C GLU A 165 -0.86 5.51 10.95
N THR A 166 -0.69 6.20 9.82
CA THR A 166 -0.92 5.54 8.56
C THR A 166 0.12 4.46 8.31
N ALA A 167 1.38 4.76 8.56
CA ALA A 167 2.44 3.77 8.37
C ALA A 167 2.22 2.55 9.22
N ARG A 168 1.81 2.77 10.47
CA ARG A 168 1.51 1.62 11.35
C ARG A 168 0.31 0.78 10.89
N THR A 169 -0.69 1.42 10.33
CA THR A 169 -1.87 0.70 9.92
C THR A 169 -1.53 -0.14 8.67
N VAL A 170 -0.79 0.42 7.73
CA VAL A 170 -0.40 -0.34 6.54
C VAL A 170 0.43 -1.54 6.94
N ALA A 171 1.37 -1.33 7.86
CA ALA A 171 2.24 -2.40 8.31
C ALA A 171 1.41 -3.49 8.95
N PHE A 172 0.44 -3.09 9.74
CA PHE A 172 -0.42 -4.04 10.47
C PHE A 172 -1.25 -4.92 9.51
N LEU A 173 -1.86 -4.27 8.53
CA LEU A 173 -2.71 -4.94 7.56
C LEU A 173 -1.90 -5.91 6.71
N ALA A 174 -0.70 -5.49 6.32
CA ALA A 174 0.18 -6.30 5.48
C ALA A 174 0.66 -7.49 6.24
N SER A 175 0.92 -7.33 7.54
CA SER A 175 1.38 -8.44 8.36
C SER A 175 0.32 -9.54 8.52
N LYS A 176 -0.93 -9.17 8.32
CA LYS A 176 -2.06 -10.11 8.41
C LYS A 176 -2.59 -10.44 7.02
N ALA A 177 -1.92 -10.02 5.95
CA ALA A 177 -2.40 -10.22 4.55
C ALA A 177 -3.88 -9.83 4.34
N GLN A 178 -4.25 -8.66 4.82
CA GLN A 178 -5.61 -8.13 4.67
C GLN A 178 -5.60 -7.06 3.63
N PRO A 179 -6.71 -6.94 2.91
CA PRO A 179 -6.66 -5.94 1.83
C PRO A 179 -6.50 -4.56 2.36
N ILE A 180 -5.82 -3.75 1.54
CA ILE A 180 -5.47 -2.43 1.86
C ILE A 180 -6.20 -1.56 0.85
N TYR A 181 -7.10 -0.72 1.37
CA TYR A 181 -7.89 0.18 0.58
C TYR A 181 -6.99 1.12 -0.08
N PRO A 182 -7.21 1.39 -1.37
CA PRO A 182 -6.35 2.30 -2.12
C PRO A 182 -6.19 3.74 -1.59
N LYS A 183 -7.24 4.37 -1.05
CA LYS A 183 -7.05 5.64 -0.36
C LYS A 183 -6.04 5.56 0.79
N THR A 184 -5.98 4.40 1.47
CA THR A 184 -5.05 4.25 2.56
C THR A 184 -3.60 4.47 2.09
N ILE A 185 -3.28 3.99 0.90
CA ILE A 185 -1.94 4.11 0.41
C ILE A 185 -1.70 5.52 -0.10
N GLU A 186 -2.75 6.15 -0.64
CA GLU A 186 -2.65 7.56 -0.99
C GLU A 186 -2.26 8.42 0.20
N THR A 187 -2.99 8.19 1.30
CA THR A 187 -2.69 8.87 2.58
C THR A 187 -1.26 8.56 3.03
N TYR A 188 -0.94 7.29 3.00
CA TYR A 188 0.43 6.82 3.34
C TYR A 188 1.53 7.60 2.63
N ASN A 189 1.51 7.59 1.30
CA ASN A 189 2.59 8.18 0.53
C ASN A 189 2.61 9.72 0.71
N ALA A 190 1.43 10.31 0.92
CA ALA A 190 1.35 11.77 1.08
C ALA A 190 1.96 12.26 2.38
N TYR A 191 1.86 11.46 3.44
CA TYR A 191 2.29 11.95 4.77
C TYR A 191 3.61 11.40 5.34
N ILE A 192 4.09 10.29 4.81
CA ILE A 192 5.38 9.76 5.25
C ILE A 192 6.55 10.73 5.08
N PRO A 193 6.50 11.67 4.10
CA PRO A 193 7.61 12.62 4.08
C PRO A 193 7.81 13.40 5.37
N TYR A 194 6.75 13.57 6.17
CA TYR A 194 6.90 14.27 7.44
C TYR A 194 7.75 13.57 8.46
N LEU A 195 7.97 12.28 8.29
CA LEU A 195 8.72 11.50 9.23
C LEU A 195 10.22 11.45 8.92
N ASP A 196 10.62 11.88 7.73
CA ASP A 196 12.04 11.79 7.28
C ASP A 196 13.04 12.35 8.31
N MSE B 2 14.59 -22.74 -28.62
CA MSE B 2 14.88 -21.27 -28.53
C MSE B 2 15.93 -20.97 -27.43
O MSE B 2 15.61 -20.95 -26.24
CB MSE B 2 13.58 -20.46 -28.34
CG MSE B 2 12.86 -20.08 -29.65
SE MSE B 2 12.95 -18.15 -30.07
CE MSE B 2 11.03 -17.59 -29.85
N THR B 3 17.17 -20.75 -27.88
CA THR B 3 18.36 -20.55 -27.01
C THR B 3 18.50 -19.07 -26.61
N TYR B 4 19.42 -18.80 -25.67
CA TYR B 4 19.69 -17.43 -25.27
C TYR B 4 20.08 -16.65 -26.52
N LYS B 5 20.87 -17.28 -27.41
CA LYS B 5 21.32 -16.65 -28.67
C LYS B 5 20.16 -16.31 -29.60
N ASP B 6 19.21 -17.23 -29.71
CA ASP B 6 17.99 -17.00 -30.46
C ASP B 6 17.28 -15.73 -29.98
N TYR B 7 17.26 -15.52 -28.67
CA TYR B 7 16.64 -14.34 -28.06
C TYR B 7 17.48 -13.06 -28.08
N THR B 8 18.80 -13.18 -28.05
CA THR B 8 19.67 -12.03 -27.74
C THR B 8 20.76 -11.76 -28.77
N GLY B 9 21.09 -12.79 -29.56
CA GLY B 9 22.26 -12.74 -30.42
C GLY B 9 23.61 -12.94 -29.73
N LEU B 10 23.63 -13.02 -28.40
CA LEU B 10 24.82 -13.52 -27.69
C LEU B 10 24.51 -14.88 -27.11
N ASP B 11 25.54 -15.74 -27.06
CA ASP B 11 25.46 -17.00 -26.31
C ASP B 11 25.61 -16.69 -24.83
N ARG B 12 25.24 -17.64 -23.99
CA ARG B 12 25.27 -17.44 -22.54
C ARG B 12 26.64 -17.00 -22.00
N THR B 13 27.73 -17.48 -22.60
CA THR B 13 29.07 -17.11 -22.16
C THR B 13 29.38 -15.61 -22.34
N GLU B 14 29.00 -15.08 -23.52
CA GLU B 14 29.15 -13.66 -23.82
C GLU B 14 28.16 -12.82 -23.02
N LEU B 15 26.94 -13.33 -22.86
CA LEU B 15 25.96 -12.64 -22.00
C LEU B 15 26.49 -12.48 -20.59
N LEU B 16 27.12 -13.54 -20.08
CA LEU B 16 27.51 -13.53 -18.69
C LEU B 16 28.59 -12.49 -18.44
N SER B 17 29.44 -12.28 -19.45
CA SER B 17 30.47 -11.24 -19.34
C SER B 17 29.88 -9.85 -19.32
N LYS B 18 29.05 -9.55 -20.32
CA LYS B 18 28.36 -8.26 -20.38
C LYS B 18 27.54 -7.98 -19.14
N VAL B 19 26.83 -8.99 -18.63
CA VAL B 19 26.09 -8.82 -17.38
C VAL B 19 27.01 -8.59 -16.19
N ARG B 20 28.10 -9.35 -16.11
CA ARG B 20 29.11 -9.14 -15.07
C ARG B 20 29.66 -7.70 -15.09
N HIS B 21 29.84 -7.16 -16.30
CA HIS B 21 30.37 -5.78 -16.46
C HIS B 21 29.46 -4.71 -15.92
N MSE B 22 28.14 -4.97 -15.90
CA MSE B 22 27.19 -3.95 -15.49
C MSE B 22 27.08 -3.72 -14.00
O MSE B 22 26.41 -2.78 -13.56
CB MSE B 22 25.80 -4.33 -15.97
CG MSE B 22 25.62 -4.40 -17.45
SE MSE B 22 25.95 -2.80 -18.38
CE MSE B 22 24.91 -1.54 -17.38
N MSE B 23 27.74 -4.57 -13.21
CA MSE B 23 27.48 -4.62 -11.79
C MSE B 23 28.63 -5.19 -10.97
O MSE B 23 29.48 -5.90 -11.47
CB MSE B 23 26.22 -5.49 -11.50
CG MSE B 23 26.35 -6.94 -11.87
SE MSE B 23 24.63 -7.83 -11.93
CE MSE B 23 23.86 -6.85 -13.74
N SER B 24 28.57 -4.93 -9.67
CA SER B 24 29.49 -5.51 -8.70
C SER B 24 29.43 -7.05 -8.60
N ASP B 25 30.49 -7.67 -8.07
CA ASP B 25 30.54 -9.13 -7.98
C ASP B 25 29.40 -9.71 -7.17
N LYS B 26 29.08 -9.04 -6.08
CA LYS B 26 28.03 -9.48 -5.18
C LYS B 26 26.66 -9.53 -5.90
N ARG B 27 26.41 -8.53 -6.74
CA ARG B 27 25.17 -8.46 -7.51
C ARG B 27 25.14 -9.52 -8.59
N PHE B 28 26.28 -9.75 -9.23
CA PHE B 28 26.38 -10.75 -10.27
C PHE B 28 26.14 -12.09 -9.70
N ASN B 29 26.71 -12.37 -8.52
CA ASN B 29 26.37 -13.63 -7.84
C ASN B 29 24.87 -13.77 -7.53
N HIS B 30 24.23 -12.66 -7.16
CA HIS B 30 22.79 -12.64 -6.95
C HIS B 30 22.11 -13.04 -8.25
N VAL B 31 22.49 -12.42 -9.35
CA VAL B 31 21.85 -12.68 -10.62
C VAL B 31 22.00 -14.14 -11.08
N LEU B 32 23.18 -14.74 -10.84
CA LEU B 32 23.38 -16.17 -11.12
C LEU B 32 22.44 -17.01 -10.28
N GLY B 33 22.31 -16.63 -9.02
CA GLY B 33 21.36 -17.27 -8.11
C GLY B 33 19.94 -17.19 -8.59
N VAL B 34 19.54 -16.02 -9.10
CA VAL B 34 18.20 -15.87 -9.66
C VAL B 34 18.00 -16.73 -10.94
N GLU B 35 18.99 -16.73 -11.82
CA GLU B 35 18.94 -17.60 -12.99
C GLU B 35 18.71 -19.06 -12.57
N ARG B 36 19.49 -19.53 -11.58
CA ARG B 36 19.38 -20.88 -11.04
CA ARG B 36 19.38 -20.86 -11.02
C ARG B 36 17.99 -21.17 -10.47
N ALA B 37 17.47 -20.23 -9.71
CA ALA B 37 16.17 -20.37 -9.09
C ALA B 37 15.05 -20.29 -10.06
N ALA B 38 15.18 -19.49 -11.12
CA ALA B 38 14.16 -19.35 -12.09
C ALA B 38 14.06 -20.61 -12.97
N ILE B 39 15.21 -21.20 -13.29
CA ILE B 39 15.22 -22.46 -14.01
C ILE B 39 14.56 -23.58 -13.17
N GLU B 40 14.88 -23.66 -11.89
CA GLU B 40 14.19 -24.63 -11.02
C GLU B 40 12.65 -24.40 -10.96
N LEU B 41 12.23 -23.13 -10.87
CA LEU B 41 10.80 -22.79 -10.85
C LEU B 41 10.16 -23.11 -12.20
N ALA B 42 10.86 -22.89 -13.30
CA ALA B 42 10.37 -23.24 -14.61
C ALA B 42 10.12 -24.71 -14.72
N GLU B 43 11.07 -25.55 -14.28
CA GLU B 43 10.87 -27.00 -14.26
C GLU B 43 9.68 -27.41 -13.39
N ARG B 44 9.63 -26.81 -12.19
CA ARG B 44 8.58 -27.11 -11.21
C ARG B 44 7.17 -26.83 -11.77
N TYR B 45 7.03 -25.76 -12.53
CA TYR B 45 5.72 -25.22 -12.92
C TYR B 45 5.49 -25.28 -14.44
N GLY B 46 6.29 -26.11 -15.14
CA GLY B 46 6.02 -26.45 -16.52
C GLY B 46 6.25 -25.33 -17.51
N TYR B 47 7.16 -24.44 -17.18
CA TYR B 47 7.44 -23.29 -18.01
C TYR B 47 8.76 -23.43 -18.75
N ASP B 48 8.87 -22.77 -19.91
CA ASP B 48 10.07 -22.75 -20.77
C ASP B 48 11.30 -22.27 -20.00
N LYS B 49 12.24 -23.18 -19.80
CA LYS B 49 13.41 -22.90 -18.96
C LYS B 49 14.32 -21.84 -19.52
N GLU B 50 14.42 -21.78 -20.85
CA GLU B 50 15.27 -20.79 -21.48
C GLU B 50 14.78 -19.35 -21.26
N LYS B 51 13.48 -19.14 -21.47
CA LYS B 51 12.85 -17.84 -21.25
C LYS B 51 13.02 -17.43 -19.82
N ALA B 52 12.76 -18.37 -18.90
CA ALA B 52 12.88 -18.06 -17.47
C ALA B 52 14.31 -17.71 -17.07
N GLY B 53 15.27 -18.53 -17.51
CA GLY B 53 16.68 -18.30 -17.22
C GLY B 53 17.20 -16.97 -17.79
N LEU B 54 16.81 -16.67 -19.01
CA LEU B 54 17.19 -15.42 -19.66
C LEU B 54 16.61 -14.19 -18.97
N ALA B 55 15.32 -14.21 -18.68
CA ALA B 55 14.71 -13.09 -17.94
C ALA B 55 15.41 -12.90 -16.60
N ALA B 56 15.67 -14.00 -15.90
CA ALA B 56 16.37 -13.93 -14.64
C ALA B 56 17.80 -13.39 -14.76
N LEU B 57 18.51 -13.79 -15.80
CA LEU B 57 19.90 -13.34 -15.97
C LEU B 57 19.96 -11.83 -16.21
N LEU B 58 18.95 -11.32 -16.91
CA LEU B 58 18.89 -9.95 -17.29
C LEU B 58 18.12 -9.06 -16.32
N HIS B 59 17.48 -9.58 -15.28
CA HIS B 59 16.47 -8.78 -14.58
C HIS B 59 17.05 -7.55 -13.91
N ASP B 60 18.29 -7.67 -13.40
CA ASP B 60 18.97 -6.55 -12.72
C ASP B 60 20.09 -5.96 -13.56
N TYR B 61 20.02 -6.15 -14.87
CA TYR B 61 21.00 -5.59 -15.79
C TYR B 61 21.31 -4.13 -15.47
N ALA B 62 20.28 -3.35 -15.11
CA ALA B 62 20.41 -1.91 -14.88
C ALA B 62 20.46 -1.48 -13.40
N LYS B 63 20.64 -2.43 -12.49
CA LYS B 63 20.64 -2.13 -11.03
C LYS B 63 21.59 -1.00 -10.61
N GLU B 64 22.77 -0.95 -11.22
CA GLU B 64 23.82 0.01 -10.85
C GLU B 64 24.01 1.14 -11.87
N LEU B 65 23.02 1.38 -12.73
CA LEU B 65 23.08 2.60 -13.52
C LEU B 65 22.97 3.80 -12.60
N SER B 66 23.56 4.91 -13.04
CA SER B 66 23.50 6.17 -12.33
C SER B 66 22.10 6.75 -12.44
N ASP B 67 21.74 7.56 -11.45
CA ASP B 67 20.47 8.25 -11.45
C ASP B 67 20.31 9.05 -12.73
N ASP B 68 21.39 9.72 -13.12
CA ASP B 68 21.39 10.50 -14.36
C ASP B 68 21.15 9.65 -15.61
N GLU B 69 21.71 8.44 -15.67
CA GLU B 69 21.45 7.58 -16.82
C GLU B 69 19.95 7.29 -16.91
N PHE B 70 19.30 7.02 -15.78
CA PHE B 70 17.87 6.74 -15.75
C PHE B 70 16.99 7.86 -16.16
N LEU B 71 17.32 9.05 -15.70
CA LEU B 71 16.55 10.23 -16.07
C LEU B 71 16.65 10.58 -17.56
N ARG B 72 17.85 10.42 -18.11
CA ARG B 72 18.03 10.47 -19.54
C ARG B 72 17.17 9.46 -20.28
N LEU B 73 17.14 8.23 -19.78
CA LEU B 73 16.31 7.16 -20.37
C LEU B 73 14.83 7.46 -20.30
N ILE B 74 14.40 8.08 -19.21
CA ILE B 74 13.02 8.43 -19.04
C ILE B 74 12.67 9.51 -20.05
N ASP B 75 13.48 10.57 -20.12
CA ASP B 75 13.23 11.61 -21.12
C ASP B 75 13.17 11.01 -22.51
N LYS B 76 14.20 10.26 -22.84
CA LYS B 76 14.37 9.74 -24.20
C LYS B 76 13.30 8.72 -24.60
N TYR B 77 12.86 7.86 -23.68
CA TYR B 77 11.99 6.72 -24.05
C TYR B 77 10.62 6.68 -23.46
N GLN B 78 10.41 7.29 -22.30
CA GLN B 78 9.12 7.17 -21.65
C GLN B 78 8.83 8.35 -20.75
N PRO B 79 8.72 9.55 -21.35
CA PRO B 79 8.54 10.78 -20.57
C PRO B 79 7.39 10.65 -19.54
N ASP B 80 7.73 10.71 -18.25
CA ASP B 80 6.75 10.68 -17.16
C ASP B 80 7.30 11.47 -15.97
N PRO B 81 6.70 12.64 -15.65
CA PRO B 81 7.34 13.45 -14.60
C PRO B 81 7.21 12.78 -13.23
N ASP B 82 6.19 11.98 -13.04
CA ASP B 82 5.99 11.30 -11.76
C ASP B 82 7.06 10.25 -11.59
N LEU B 83 7.20 9.38 -12.58
CA LEU B 83 8.27 8.41 -12.56
C LEU B 83 9.62 8.99 -12.09
N LYS B 84 9.96 10.17 -12.60
CA LYS B 84 11.16 10.90 -12.19
C LYS B 84 11.27 11.20 -10.70
N LYS B 85 10.14 11.18 -10.01
CA LYS B 85 10.07 11.43 -8.57
C LYS B 85 10.48 10.22 -7.76
N TRP B 86 10.64 9.04 -8.37
CA TRP B 86 11.02 7.87 -7.63
C TRP B 86 12.53 7.69 -7.71
N GLY B 87 13.01 6.48 -7.70
CA GLY B 87 14.44 6.26 -7.69
C GLY B 87 14.80 4.90 -8.23
N ASN B 88 16.03 4.49 -7.95
CA ASN B 88 16.60 3.23 -8.45
C ASN B 88 15.74 1.99 -8.25
N ASN B 89 15.14 1.85 -7.06
CA ASN B 89 14.32 0.67 -6.78
C ASN B 89 13.26 0.49 -7.87
N ILE B 90 12.58 1.56 -8.20
CA ILE B 90 11.52 1.53 -9.17
C ILE B 90 12.12 1.56 -10.57
N TRP B 91 13.13 2.39 -10.79
CA TRP B 91 13.63 2.57 -12.15
C TRP B 91 14.27 1.33 -12.79
N HIS B 92 15.01 0.58 -12.01
CA HIS B 92 15.95 -0.31 -12.60
C HIS B 92 15.30 -1.42 -13.39
N GLY B 93 14.08 -1.77 -13.00
CA GLY B 93 13.22 -2.66 -13.79
C GLY B 93 12.44 -1.90 -14.83
N LEU B 94 11.62 -0.93 -14.38
CA LEU B 94 10.69 -0.27 -15.31
C LEU B 94 11.38 0.53 -16.38
N VAL B 95 12.47 1.21 -16.01
CA VAL B 95 13.26 2.00 -16.97
C VAL B 95 14.48 1.20 -17.47
N GLY B 96 15.00 0.29 -16.65
CA GLY B 96 16.08 -0.57 -17.08
C GLY B 96 15.89 -1.32 -18.40
N ILE B 97 14.67 -1.73 -18.70
CA ILE B 97 14.43 -2.47 -19.94
C ILE B 97 14.84 -1.67 -21.18
N TYR B 98 14.86 -0.34 -21.14
CA TYR B 98 15.33 0.43 -22.28
C TYR B 98 16.82 0.29 -22.47
N LYS B 99 17.57 0.26 -21.36
CA LYS B 99 19.00 0.04 -21.40
C LYS B 99 19.28 -1.34 -22.00
N ILE B 100 18.55 -2.34 -21.53
CA ILE B 100 18.71 -3.72 -21.99
C ILE B 100 18.50 -3.80 -23.50
N GLN B 101 17.43 -3.15 -23.97
CA GLN B 101 17.17 -3.11 -25.40
C GLN B 101 18.19 -2.33 -26.17
N GLU B 102 18.77 -1.28 -25.58
CA GLU B 102 19.87 -0.56 -26.22
C GLU B 102 21.11 -1.45 -26.43
N ASP B 103 21.44 -2.24 -25.43
CA ASP B 103 22.69 -2.98 -25.39
C ASP B 103 22.56 -4.36 -26.02
N LEU B 104 21.34 -4.89 -26.04
CA LEU B 104 21.10 -6.24 -26.56
C LEU B 104 20.03 -6.24 -27.62
N ALA B 105 20.06 -7.27 -28.46
CA ALA B 105 19.13 -7.39 -29.55
C ALA B 105 17.89 -8.14 -29.13
N ILE B 106 17.40 -7.86 -27.94
CA ILE B 106 16.30 -8.62 -27.42
C ILE B 106 15.01 -7.88 -27.70
N LYS B 107 14.03 -8.61 -28.20
CA LYS B 107 12.75 -8.02 -28.54
C LYS B 107 11.59 -8.76 -27.92
N ASP B 108 11.83 -9.88 -27.25
CA ASP B 108 10.74 -10.70 -26.73
C ASP B 108 9.94 -9.93 -25.69
N GLN B 109 8.65 -9.73 -25.95
CA GLN B 109 7.87 -8.89 -25.05
C GLN B 109 7.57 -9.57 -23.72
N ASP B 110 7.44 -10.90 -23.71
CA ASP B 110 7.25 -11.60 -22.43
C ASP B 110 8.43 -11.44 -21.49
N ILE B 111 9.64 -11.64 -22.02
CA ILE B 111 10.82 -11.51 -21.21
C ILE B 111 10.97 -10.05 -20.72
N LEU B 112 10.79 -9.10 -21.63
CA LEU B 112 10.94 -7.68 -21.24
C LEU B 112 9.93 -7.24 -20.20
N ALA B 113 8.70 -7.66 -20.36
CA ALA B 113 7.62 -7.33 -19.41
C ALA B 113 7.89 -7.89 -18.05
N ALA B 114 8.45 -9.10 -17.99
CA ALA B 114 8.76 -9.74 -16.72
C ALA B 114 9.91 -9.06 -15.99
N ILE B 115 10.87 -8.60 -16.75
CA ILE B 115 11.98 -7.79 -16.18
C ILE B 115 11.43 -6.44 -15.69
N ALA B 116 10.59 -5.80 -16.51
CA ALA B 116 10.11 -4.47 -16.17
C ALA B 116 9.34 -4.42 -14.88
N LYS B 117 8.59 -5.47 -14.58
CA LYS B 117 7.80 -5.51 -13.36
C LYS B 117 8.39 -6.34 -12.24
N HIS B 118 9.64 -6.77 -12.34
CA HIS B 118 10.16 -7.72 -11.37
C HIS B 118 10.19 -7.20 -9.94
N THR B 119 10.26 -5.89 -9.75
CA THR B 119 10.32 -5.28 -8.42
C THR B 119 8.93 -5.12 -7.80
N VAL B 120 7.99 -4.65 -8.59
CA VAL B 120 6.69 -4.19 -8.11
C VAL B 120 5.54 -5.16 -8.41
N GLY B 121 5.72 -6.07 -9.36
CA GLY B 121 4.66 -6.95 -9.84
C GLY B 121 3.60 -6.25 -10.68
N SER B 122 2.50 -6.96 -10.93
CA SER B 122 1.25 -6.37 -11.40
C SER B 122 0.12 -7.21 -10.87
N ALA B 123 -1.10 -6.77 -11.15
CA ALA B 123 -2.28 -7.56 -10.79
C ALA B 123 -2.49 -8.80 -11.63
N GLN B 124 -1.97 -8.86 -12.82
CA GLN B 124 -2.40 -10.07 -13.58
C GLN B 124 -1.17 -10.64 -14.22
N MSE B 125 -0.29 -11.14 -13.37
CA MSE B 125 1.04 -11.52 -13.78
C MSE B 125 1.04 -12.78 -14.59
O MSE B 125 0.26 -13.67 -14.34
CB MSE B 125 1.93 -11.70 -12.55
CG MSE B 125 1.99 -10.44 -11.73
SE MSE B 125 3.00 -10.63 -10.08
CE MSE B 125 4.41 -10.89 -10.88
N SER B 126 1.90 -12.86 -15.60
CA SER B 126 2.08 -14.08 -16.38
C SER B 126 2.89 -15.07 -15.53
N THR B 127 2.92 -16.32 -15.96
CA THR B 127 3.79 -17.30 -15.30
C THR B 127 5.24 -16.84 -15.30
N LEU B 128 5.74 -16.33 -16.42
CA LEU B 128 7.16 -15.89 -16.43
C LEU B 128 7.36 -14.73 -15.44
N ASP B 129 6.40 -13.83 -15.38
CA ASP B 129 6.45 -12.65 -14.49
C ASP B 129 6.64 -13.13 -13.07
N LYS B 130 5.84 -14.13 -12.71
CA LYS B 130 5.82 -14.65 -11.34
C LYS B 130 7.10 -15.41 -11.01
N ILE B 131 7.57 -16.20 -11.96
CA ILE B 131 8.86 -16.95 -11.80
C ILE B 131 10.00 -15.97 -11.51
N VAL B 132 10.12 -14.89 -12.27
CA VAL B 132 11.21 -13.98 -12.00
C VAL B 132 11.05 -13.26 -10.65
N TYR B 133 9.81 -12.84 -10.37
CA TYR B 133 9.47 -12.13 -9.16
C TYR B 133 9.78 -12.96 -7.90
N VAL B 134 9.46 -14.24 -7.97
CA VAL B 134 9.73 -15.14 -6.85
C VAL B 134 11.20 -15.59 -6.75
N ALA B 135 11.81 -15.94 -7.88
CA ALA B 135 13.23 -16.36 -7.96
C ALA B 135 14.17 -15.25 -7.37
N ASP B 136 13.82 -14.01 -7.63
CA ASP B 136 14.53 -12.86 -7.09
C ASP B 136 14.61 -12.86 -5.55
N TYR B 137 13.53 -13.35 -4.91
CA TYR B 137 13.32 -13.28 -3.50
C TYR B 137 13.90 -14.51 -2.77
N ILE B 138 13.98 -15.64 -3.47
CA ILE B 138 14.32 -16.92 -2.87
C ILE B 138 15.66 -17.48 -3.31
N GLU B 139 16.34 -16.81 -4.25
CA GLU B 139 17.63 -17.28 -4.71
C GLU B 139 18.61 -17.56 -3.57
N HIS B 140 19.46 -18.56 -3.75
CA HIS B 140 20.16 -19.22 -2.64
C HIS B 140 21.11 -18.30 -1.87
N ASN B 141 21.58 -17.20 -2.47
CA ASN B 141 22.44 -16.23 -1.76
C ASN B 141 21.68 -15.36 -0.76
N ARG B 142 20.36 -15.29 -0.90
CA ARG B 142 19.51 -14.51 -0.01
C ARG B 142 19.52 -15.14 1.36
N ASP B 143 19.61 -14.29 2.38
CA ASP B 143 19.66 -14.72 3.74
C ASP B 143 18.99 -13.61 4.56
N PHE B 144 17.71 -13.76 4.75
CA PHE B 144 16.91 -12.76 5.46
C PHE B 144 15.80 -13.47 6.17
N PRO B 145 15.22 -12.81 7.17
CA PRO B 145 14.24 -13.55 7.92
C PRO B 145 13.04 -14.03 7.09
N GLY B 146 12.66 -15.28 7.31
CA GLY B 146 11.53 -15.89 6.61
C GLY B 146 11.76 -16.28 5.15
N VAL B 147 13.00 -16.20 4.69
CA VAL B 147 13.32 -16.65 3.34
C VAL B 147 12.97 -18.14 3.21
N GLU B 148 13.11 -18.90 4.29
CA GLU B 148 12.75 -20.29 4.22
C GLU B 148 11.24 -20.54 4.07
N GLU B 149 10.42 -19.64 4.61
CA GLU B 149 8.99 -19.68 4.39
C GLU B 149 8.68 -19.40 2.93
N ALA B 150 9.30 -18.42 2.33
CA ALA B 150 9.11 -18.14 0.92
C ALA B 150 9.52 -19.33 0.04
N ARG B 151 10.68 -19.88 0.34
CA ARG B 151 11.19 -21.08 -0.36
C ARG B 151 10.24 -22.23 -0.27
N GLU B 152 9.71 -22.50 0.92
CA GLU B 152 8.77 -23.57 1.05
C GLU B 152 7.49 -23.35 0.27
N LEU B 153 6.95 -22.15 0.34
CA LEU B 153 5.76 -21.85 -0.42
C LEU B 153 6.00 -22.02 -1.92
N ALA B 154 7.18 -21.59 -2.40
CA ALA B 154 7.53 -21.68 -3.82
C ALA B 154 7.60 -23.11 -4.29
N LYS B 155 7.75 -24.02 -3.36
CA LYS B 155 7.76 -25.44 -3.72
C LYS B 155 6.38 -26.03 -3.88
N VAL B 156 5.38 -25.28 -3.48
CA VAL B 156 4.05 -25.79 -3.39
C VAL B 156 3.07 -25.05 -4.26
N ASP B 157 3.14 -23.73 -4.28
CA ASP B 157 2.17 -22.96 -5.01
C ASP B 157 2.82 -21.67 -5.34
N LEU B 158 2.99 -21.38 -6.64
CA LEU B 158 3.65 -20.14 -7.09
C LEU B 158 2.86 -18.85 -6.73
N ASN B 159 1.54 -18.95 -6.74
CA ASN B 159 0.70 -17.77 -6.44
C ASN B 159 0.80 -17.39 -4.96
N LYS B 160 0.86 -18.39 -4.09
CA LYS B 160 1.10 -18.14 -2.67
C LYS B 160 2.44 -17.52 -2.40
N ALA B 161 3.47 -18.01 -3.09
CA ALA B 161 4.81 -17.46 -2.98
C ALA B 161 4.81 -15.98 -3.38
N VAL B 162 4.13 -15.69 -4.46
CA VAL B 162 3.92 -14.30 -4.92
C VAL B 162 3.21 -13.51 -3.81
N ALA B 163 2.12 -14.07 -3.25
CA ALA B 163 1.34 -13.38 -2.22
C ALA B 163 2.20 -13.05 -0.99
N TYR B 164 2.96 -14.05 -0.54
CA TYR B 164 3.81 -13.93 0.64
C TYR B 164 4.87 -12.82 0.43
N GLU B 165 5.51 -12.88 -0.72
CA GLU B 165 6.57 -11.95 -0.99
C GLU B 165 6.02 -10.53 -0.96
N THR B 166 4.88 -10.32 -1.63
CA THR B 166 4.32 -8.98 -1.74
C THR B 166 3.84 -8.47 -0.40
N ALA B 167 3.23 -9.30 0.43
CA ALA B 167 2.84 -8.89 1.78
C ALA B 167 4.03 -8.55 2.66
N ARG B 168 5.09 -9.35 2.51
CA ARG B 168 6.37 -9.04 3.15
C ARG B 168 6.92 -7.69 2.84
N THR B 169 6.96 -7.39 1.54
CA THR B 169 7.55 -6.15 1.05
C THR B 169 6.72 -4.94 1.49
N VAL B 170 5.40 -5.06 1.46
CA VAL B 170 4.56 -3.92 1.88
C VAL B 170 4.79 -3.69 3.39
N ALA B 171 4.84 -4.77 4.17
CA ALA B 171 5.05 -4.60 5.61
C ALA B 171 6.45 -4.04 5.96
N PHE B 172 7.45 -4.52 5.25
CA PHE B 172 8.84 -3.99 5.36
C PHE B 172 8.90 -2.48 5.05
N LEU B 173 8.34 -2.06 3.94
CA LEU B 173 8.39 -0.67 3.56
C LEU B 173 7.62 0.19 4.56
N ALA B 174 6.42 -0.25 4.93
CA ALA B 174 5.58 0.52 5.89
C ALA B 174 6.23 0.63 7.24
N SER B 175 6.88 -0.43 7.70
CA SER B 175 7.54 -0.47 9.01
C SER B 175 8.66 0.53 9.12
N LYS B 176 9.14 1.04 8.02
CA LYS B 176 10.07 2.15 8.15
C LYS B 176 9.68 3.36 7.28
N ALA B 177 8.40 3.47 6.99
CA ALA B 177 7.88 4.67 6.40
C ALA B 177 8.58 5.05 5.12
N GLN B 178 8.89 4.06 4.29
CA GLN B 178 9.29 4.31 2.91
C GLN B 178 8.13 4.29 1.94
N PRO B 179 8.23 5.06 0.86
CA PRO B 179 7.19 5.10 -0.14
C PRO B 179 6.89 3.75 -0.74
N ILE B 180 5.62 3.54 -1.06
CA ILE B 180 5.16 2.32 -1.66
C ILE B 180 4.56 2.68 -2.98
N TYR B 181 5.17 2.10 -4.00
CA TYR B 181 4.75 2.32 -5.36
C TYR B 181 3.37 1.75 -5.53
N PRO B 182 2.47 2.55 -6.09
CA PRO B 182 1.11 2.02 -6.28
C PRO B 182 0.93 0.67 -7.01
N LYS B 183 1.71 0.30 -8.02
CA LYS B 183 1.62 -1.06 -8.57
C LYS B 183 1.87 -2.08 -7.50
N THR B 184 2.69 -1.75 -6.51
CA THR B 184 2.98 -2.74 -5.48
C THR B 184 1.70 -3.09 -4.72
N ILE B 185 0.84 -2.11 -4.45
CA ILE B 185 -0.40 -2.42 -3.73
C ILE B 185 -1.41 -3.11 -4.66
N GLU B 186 -1.36 -2.81 -5.95
CA GLU B 186 -2.19 -3.51 -6.91
CA GLU B 186 -2.17 -3.53 -6.94
C GLU B 186 -1.83 -5.01 -6.88
N THR B 187 -0.55 -5.32 -6.93
CA THR B 187 -0.10 -6.71 -6.80
C THR B 187 -0.55 -7.32 -5.48
N TYR B 188 -0.28 -6.62 -4.37
CA TYR B 188 -0.66 -7.09 -3.03
C TYR B 188 -2.14 -7.53 -2.93
N ASN B 189 -3.05 -6.61 -3.28
CA ASN B 189 -4.47 -6.87 -3.15
C ASN B 189 -4.91 -8.00 -4.13
N ALA B 190 -4.24 -8.11 -5.27
CA ALA B 190 -4.58 -9.17 -6.26
C ALA B 190 -4.17 -10.55 -5.79
N TYR B 191 -3.07 -10.69 -5.02
CA TYR B 191 -2.49 -12.02 -4.67
C TYR B 191 -2.72 -12.48 -3.23
N ILE B 192 -2.99 -11.56 -2.30
CA ILE B 192 -3.28 -12.00 -0.93
C ILE B 192 -4.41 -13.01 -0.76
N PRO B 193 -5.44 -13.01 -1.66
CA PRO B 193 -6.47 -14.02 -1.48
C PRO B 193 -5.96 -15.45 -1.58
N TYR B 194 -4.81 -15.65 -2.21
CA TYR B 194 -4.18 -16.96 -2.24
C TYR B 194 -3.69 -17.46 -0.91
N LEU B 195 -3.55 -16.57 0.06
CA LEU B 195 -3.12 -16.97 1.37
C LEU B 195 -4.36 -17.25 2.20
N ASP B 196 -4.31 -18.30 3.01
FE FE C . -13.32 5.28 16.05
FE FE D . -14.12 4.11 12.84
CL CL E . 3.26 2.17 21.31
CL CL F . -15.96 22.69 22.90
CL CL G . -13.83 10.64 27.82
PB GDP H . -12.41 2.27 14.83
O1B GDP H . -12.13 0.84 15.21
O2B GDP H . -13.71 2.30 14.02
O3B GDP H . -12.41 3.21 16.03
O3A GDP H . -11.09 2.73 13.95
PA GDP H . -11.03 3.00 12.34
O1A GDP H . -12.27 3.50 11.65
O2A GDP H . -9.82 3.89 12.06
O5' GDP H . -10.59 1.58 11.67
C5' GDP H . -11.24 0.35 11.91
C4' GDP H . -10.43 -0.78 11.24
O4' GDP H . -10.31 -0.47 9.85
C3' GDP H . -9.02 -1.04 11.78
O3' GDP H . -8.85 -2.43 12.09
C2' GDP H . -8.08 -0.68 10.65
O2' GDP H . -6.94 -1.55 10.57
C1' GDP H . -9.01 -0.93 9.48
N9 GDP H . -8.48 -0.33 8.26
C8 GDP H . -7.94 0.88 8.11
N7 GDP H . -7.55 1.08 6.82
C5 GDP H . -7.84 -0.08 6.16
C6 GDP H . -7.63 -0.60 4.80
O6 GDP H . -7.08 0.19 3.99
N1 GDP H . -8.06 -1.88 4.51
C2 GDP H . -8.64 -2.70 5.47
N2 GDP H . -9.04 -3.99 5.19
N3 GDP H . -8.84 -2.25 6.75
C4 GDP H . -8.47 -1.00 7.10
FE FE I . 17.36 -8.99 -8.16
FE FE J . 15.89 -5.81 -8.97
PB GDP K . 16.97 -6.38 -5.95
O1B GDP K . 17.55 -5.78 -4.69
O2B GDP K . 17.09 -5.47 -7.18
O3B GDP K . 17.53 -7.80 -6.17
O3A GDP K . 15.38 -6.61 -5.59
PA GDP K . 14.09 -5.83 -6.22
O1A GDP K . 14.32 -5.32 -7.64
O2A GDP K . 12.91 -6.80 -5.99
O5' GDP K . 13.88 -4.63 -5.14
C5' GDP K . 14.78 -3.56 -5.00
C4' GDP K . 14.36 -2.74 -3.76
O4' GDP K . 13.14 -2.05 -4.11
C3' GDP K . 14.10 -3.51 -2.43
O3' GDP K . 14.77 -2.87 -1.30
C2' GDP K . 12.57 -3.48 -2.27
O2' GDP K . 12.05 -3.45 -0.93
C1' GDP K . 12.27 -2.17 -2.98
N9 GDP K . 10.84 -2.07 -3.31
C8 GDP K . 9.96 -3.01 -3.67
N7 GDP K . 8.74 -2.48 -3.90
C5 GDP K . 8.87 -1.16 -3.66
C6 GDP K . 7.97 -0.04 -3.69
O6 GDP K . 6.81 -0.33 -4.01
N1 GDP K . 8.43 1.21 -3.40
C2 GDP K . 9.73 1.40 -3.08
N2 GDP K . 10.13 2.65 -2.78
N3 GDP K . 10.65 0.37 -3.00
C4 GDP K . 10.25 -0.89 -3.29
O1 MES L . 18.11 -24.13 -18.77
C2 MES L . 18.56 -25.03 -19.79
C3 MES L . 19.84 -24.55 -20.51
N4 MES L . 20.15 -23.12 -20.34
C5 MES L . 19.34 -22.19 -19.54
C6 MES L . 17.97 -22.80 -19.24
C7 MES L . 21.35 -22.60 -21.00
C8 MES L . 20.82 -21.74 -22.15
S MES L . 21.85 -21.65 -23.45
O1S MES L . 23.21 -21.30 -22.97
O2S MES L . 21.84 -22.99 -24.10
O3S MES L . 21.35 -20.65 -24.43
#